data_3NEH
#
_entry.id   3NEH
#
_cell.length_a   53.834
_cell.length_b   79.453
_cell.length_c   152.014
_cell.angle_alpha   90.00
_cell.angle_beta   90.00
_cell.angle_gamma   90.00
#
_symmetry.space_group_name_H-M   'P 21 21 21'
#
loop_
_entity.id
_entity.type
_entity.pdbx_description
1 polymer 'Renal dipeptidase family protein'
2 non-polymer '(2R)-3-[(R)-[(1R)-1-amino-3-methylbutyl](hydroxy)phosphoryl]-2-methylpropanoic acid'
3 non-polymer 'ZINC ION'
4 water water
#
_entity_poly.entity_id   1
_entity_poly.type   'polypeptide(L)'
_entity_poly.pdbx_seq_one_letter_code
;MSLRVIDTHCDALYKLQAGKGKYTFQDAEELDVNFERLIEAKMLLQGFAIFLDEDIPVEHKWKKAVEQVNIFKQHVLHKG
GIIHHVKKWCDLENLPEDKIGAMLTLEGIEPIGRDLDKLTQLLDGGVLSVGLTWNNANLAADGIMEERGAGLTRFGKDII
HLLNERKVFTDVSHLSVKAFWETLEQAEFVIASHSNAKAICSHPRNLDDEQIKAMIEHDAMIHVVFYPLFTTNNGVADTE
DVIRHIDHICELGGLKNIGFGSDFDGIPDHVKGLEHVGKYQSFLETLEKHYTKEEIEGFASRNFLNHLPKEGHHHHHH
;
_entity_poly.pdbx_strand_id   A,B
#
# COMPACT_ATOMS: atom_id res chain seq x y z
N SER A 2 16.54 -15.22 24.50
CA SER A 2 16.25 -14.03 23.70
C SER A 2 17.54 -13.31 23.27
N LEU A 3 17.41 -12.40 22.31
CA LEU A 3 18.56 -11.68 21.78
C LEU A 3 18.18 -10.22 21.68
N ARG A 4 19.13 -9.32 21.93
CA ARG A 4 18.89 -7.89 21.78
C ARG A 4 18.73 -7.53 20.31
N VAL A 5 17.99 -6.46 20.03
CA VAL A 5 17.65 -6.08 18.66
C VAL A 5 18.15 -4.70 18.28
N ILE A 6 18.69 -4.57 17.08
CA ILE A 6 18.98 -3.28 16.48
C ILE A 6 18.09 -3.12 15.25
N ASP A 7 17.30 -2.06 15.23
CA ASP A 7 16.43 -1.80 14.09
C ASP A 7 16.75 -0.40 13.61
N THR A 8 17.12 -0.26 12.33
CA THR A 8 17.67 1.02 11.85
C THR A 8 16.67 2.06 11.41
N HIS A 9 15.38 1.70 11.34
CA HIS A 9 14.42 2.64 10.77
C HIS A 9 12.96 2.52 11.21
N CYS A 10 12.48 3.52 11.96
CA CYS A 10 11.05 3.65 12.20
C CYS A 10 10.61 5.10 12.00
N ASP A 11 9.33 5.29 11.67
CA ASP A 11 8.80 6.63 11.48
C ASP A 11 7.89 7.06 12.62
N ALA A 12 8.22 6.67 13.83
CA ALA A 12 7.48 7.13 15.01
C ALA A 12 7.38 8.65 15.11
N LEU A 13 8.43 9.36 14.72
CA LEU A 13 8.42 10.83 14.85
C LEU A 13 7.41 11.46 13.89
N TYR A 14 7.44 11.03 12.63
CA TYR A 14 6.44 11.47 11.66
C TYR A 14 5.02 11.20 12.18
N LYS A 15 4.82 10.02 12.76
CA LYS A 15 3.49 9.61 13.22
C LYS A 15 3.05 10.40 14.46
N LEU A 16 3.93 10.51 15.44
CA LEU A 16 3.65 11.34 16.61
C LEU A 16 3.34 12.77 16.20
N GLN A 17 4.11 13.30 15.25
CA GLN A 17 3.88 14.66 14.80
C GLN A 17 2.50 14.78 14.17
N ALA A 18 2.16 13.83 13.31
CA ALA A 18 0.89 13.86 12.60
C ALA A 18 -0.26 13.72 13.57
N GLY A 19 -0.02 13.01 14.67
CA GLY A 19 -1.05 12.70 15.64
C GLY A 19 -1.50 13.92 16.44
N LYS A 20 -0.64 14.93 16.50
CA LYS A 20 -0.95 16.17 17.20
C LYS A 20 -1.31 15.98 18.66
N GLY A 21 -0.58 15.08 19.33
CA GLY A 21 -0.75 14.87 20.75
C GLY A 21 -1.76 13.79 21.11
N LYS A 22 -2.34 13.16 20.10
CA LYS A 22 -3.34 12.13 20.34
C LYS A 22 -2.70 10.80 20.73
N TYR A 23 -1.42 10.63 20.39
CA TYR A 23 -0.72 9.39 20.69
C TYR A 23 0.21 9.54 21.87
N THR A 24 0.06 8.66 22.85
CA THR A 24 1.03 8.59 23.95
C THR A 24 2.09 7.54 23.64
N PHE A 25 3.34 7.99 23.53
CA PHE A 25 4.42 7.09 23.16
C PHE A 25 4.62 5.96 24.17
N GLN A 26 4.20 6.18 25.41
CA GLN A 26 4.30 5.14 26.43
C GLN A 26 3.69 3.80 26.01
N ASP A 27 2.50 3.85 25.41
CA ASP A 27 1.75 2.61 25.20
C ASP A 27 0.63 2.68 24.16
N ALA A 28 0.61 3.73 23.33
CA ALA A 28 -0.45 3.84 22.33
C ALA A 28 -0.42 2.63 21.39
N GLU A 29 -1.56 1.94 21.30
CA GLU A 29 -1.63 0.74 20.46
C GLU A 29 -1.45 1.04 18.98
N GLU A 30 -1.79 2.26 18.56
CA GLU A 30 -1.69 2.64 17.16
C GLU A 30 -0.25 2.93 16.73
N LEU A 31 0.65 3.03 17.71
CA LEU A 31 2.07 3.23 17.41
C LEU A 31 2.77 1.88 17.33
N ASP A 32 3.27 1.55 16.13
CA ASP A 32 3.99 0.29 15.93
C ASP A 32 5.18 0.23 16.86
N VAL A 33 5.81 1.38 17.10
CA VAL A 33 6.89 1.49 18.07
C VAL A 33 6.41 2.37 19.21
N ASN A 34 6.33 1.80 20.41
CA ASN A 34 6.07 2.57 21.62
C ASN A 34 6.93 2.01 22.75
N PHE A 35 6.94 2.69 23.89
CA PHE A 35 7.86 2.33 24.97
C PHE A 35 7.68 0.89 25.42
N GLU A 36 6.45 0.48 25.73
CA GLU A 36 6.21 -0.90 26.18
C GLU A 36 6.65 -1.94 25.15
N ARG A 37 6.39 -1.66 23.88
CA ARG A 37 6.75 -2.59 22.82
C ARG A 37 8.24 -2.68 22.59
N LEU A 38 8.95 -1.57 22.72
CA LEU A 38 10.42 -1.59 22.63
C LEU A 38 11.00 -2.46 23.75
N ILE A 39 10.40 -2.37 24.93
CA ILE A 39 10.79 -3.24 26.04
C ILE A 39 10.55 -4.70 25.70
N GLU A 40 9.37 -4.99 25.16
CA GLU A 40 9.01 -6.35 24.76
C GLU A 40 10.00 -6.89 23.72
N ALA A 41 10.43 -6.02 22.81
CA ALA A 41 11.36 -6.38 21.74
C ALA A 41 12.76 -6.68 22.25
N LYS A 42 13.05 -6.26 23.47
CA LYS A 42 14.41 -6.28 24.01
C LYS A 42 15.32 -5.44 23.11
N MET A 43 14.79 -4.31 22.65
CA MET A 43 15.53 -3.45 21.74
C MET A 43 16.84 -2.96 22.36
N LEU A 44 17.89 -2.98 21.55
CA LEU A 44 19.21 -2.45 21.94
C LEU A 44 19.40 -1.06 21.32
N LEU A 45 18.98 -0.89 20.08
CA LEU A 45 19.09 0.40 19.40
C LEU A 45 17.99 0.52 18.36
N GLN A 46 17.18 1.57 18.47
CA GLN A 46 16.19 1.89 17.47
C GLN A 46 16.55 3.18 16.77
N GLY A 47 16.53 3.15 15.44
CA GLY A 47 16.74 4.36 14.66
C GLY A 47 15.42 5.07 14.47
N PHE A 48 15.40 6.37 14.78
CA PHE A 48 14.21 7.20 14.61
C PHE A 48 14.43 8.18 13.48
N ALA A 49 13.79 7.94 12.33
CA ALA A 49 13.95 8.80 11.17
C ALA A 49 13.29 10.16 11.38
N ILE A 50 13.96 11.19 10.86
CA ILE A 50 13.38 12.52 10.75
C ILE A 50 12.87 12.62 9.32
N PHE A 51 11.56 12.76 9.15
CA PHE A 51 10.96 12.72 7.81
C PHE A 51 9.69 13.54 7.73
N LEU A 52 9.62 14.41 6.73
CA LEU A 52 8.44 15.24 6.52
C LEU A 52 7.69 14.84 5.24
N ASP A 53 6.36 14.80 5.35
CA ASP A 53 5.49 14.63 4.21
C ASP A 53 5.95 15.51 3.06
N GLU A 54 5.88 15.00 1.85
CA GLU A 54 6.38 15.73 0.70
C GLU A 54 5.60 17.02 0.49
N ASP A 55 4.49 17.15 1.22
CA ASP A 55 3.61 18.31 1.06
C ASP A 55 3.87 19.44 2.07
N ILE A 56 4.66 19.20 3.11
CA ILE A 56 5.17 20.29 3.92
C ILE A 56 5.97 21.18 2.99
N PRO A 57 5.59 22.47 2.88
CA PRO A 57 6.23 23.37 1.91
C PRO A 57 7.70 23.56 2.22
N VAL A 58 8.47 23.95 1.21
CA VAL A 58 9.88 24.17 1.39
C VAL A 58 10.17 25.17 2.51
N GLU A 59 9.32 26.18 2.65
CA GLU A 59 9.58 27.23 3.62
C GLU A 59 9.32 26.79 5.07
N HIS A 60 8.71 25.62 5.25
CA HIS A 60 8.44 25.14 6.61
C HIS A 60 9.17 23.84 6.94
N LYS A 61 9.93 23.29 6.00
CA LYS A 61 10.51 21.96 6.22
C LYS A 61 11.48 21.94 7.40
N TRP A 62 12.31 22.98 7.51
CA TRP A 62 13.30 23.02 8.60
C TRP A 62 12.63 23.08 9.96
N LYS A 63 11.68 24.02 10.11
CA LYS A 63 10.91 24.15 11.35
C LYS A 63 10.27 22.83 11.76
N LYS A 64 9.64 22.15 10.81
CA LYS A 64 8.93 20.89 11.11
C LYS A 64 9.90 19.76 11.47
N ALA A 65 11.09 19.78 10.88
CA ALA A 65 12.13 18.82 11.24
C ALA A 65 12.61 19.07 12.66
N VAL A 66 12.85 20.32 13.00
CA VAL A 66 13.28 20.68 14.35
C VAL A 66 12.19 20.25 15.35
N GLU A 67 10.94 20.44 14.96
CA GLU A 67 9.82 19.96 15.76
C GLU A 67 9.88 18.46 16.02
N GLN A 68 10.25 17.68 15.01
CA GLN A 68 10.39 16.24 15.20
C GLN A 68 11.53 15.93 16.17
N VAL A 69 12.62 16.66 16.06
CA VAL A 69 13.74 16.46 16.97
C VAL A 69 13.27 16.80 18.40
N ASN A 70 12.44 17.83 18.52
CA ASN A 70 11.91 18.19 19.84
C ASN A 70 10.92 17.16 20.40
N ILE A 71 10.10 16.59 19.54
CA ILE A 71 9.25 15.47 19.92
C ILE A 71 10.08 14.31 20.44
N PHE A 72 11.17 14.00 19.73
CA PHE A 72 12.11 12.97 20.16
C PHE A 72 12.65 13.25 21.57
N LYS A 73 13.09 14.49 21.80
CA LYS A 73 13.70 14.87 23.07
C LYS A 73 12.69 14.91 24.21
N GLN A 74 11.48 15.37 23.91
CA GLN A 74 10.50 15.57 24.96
C GLN A 74 9.61 14.38 25.27
N HIS A 75 9.33 13.55 24.25
CA HIS A 75 8.33 12.50 24.41
C HIS A 75 8.86 11.09 24.24
N VAL A 76 9.95 10.95 23.50
CA VAL A 76 10.61 9.67 23.37
C VAL A 76 11.71 9.52 24.41
N LEU A 77 12.63 10.46 24.42
CA LEU A 77 13.80 10.39 25.28
C LEU A 77 13.45 10.43 26.76
N HIS A 78 14.27 9.73 27.54
CA HIS A 78 14.08 9.61 28.98
C HIS A 78 12.66 9.14 29.26
N LYS A 79 12.15 8.33 28.32
CA LYS A 79 10.96 7.55 28.55
C LYS A 79 11.40 6.36 29.38
N GLY A 80 10.84 6.24 30.58
CA GLY A 80 11.25 5.19 31.50
C GLY A 80 12.67 5.30 31.99
N GLY A 81 13.33 6.44 31.71
CA GLY A 81 14.75 6.65 32.03
C GLY A 81 15.60 5.70 31.20
N ILE A 82 14.90 4.72 30.64
CA ILE A 82 15.51 3.61 29.94
C ILE A 82 15.92 4.00 28.53
N ILE A 83 15.10 4.78 27.84
CA ILE A 83 15.46 5.22 26.47
C ILE A 83 16.62 6.20 26.57
N HIS A 84 17.76 5.79 26.05
CA HIS A 84 18.98 6.58 26.16
C HIS A 84 19.42 7.09 24.78
N HIS A 85 19.68 8.38 24.68
CA HIS A 85 20.05 8.94 23.39
C HIS A 85 21.48 8.57 23.02
N VAL A 86 21.62 7.74 22.00
CA VAL A 86 22.91 7.43 21.41
C VAL A 86 23.19 8.52 20.38
N LYS A 87 24.18 9.36 20.68
CA LYS A 87 24.49 10.51 19.83
C LYS A 87 25.81 10.29 19.11
N LYS A 88 26.64 9.41 19.65
CA LYS A 88 27.86 8.98 18.99
C LYS A 88 28.10 7.49 19.24
N TRP A 89 28.92 6.88 18.40
CA TRP A 89 29.00 5.41 18.37
C TRP A 89 29.53 4.82 19.68
N CYS A 90 30.37 5.58 20.39
CA CYS A 90 30.81 5.15 21.71
C CYS A 90 29.64 5.04 22.70
N ASP A 91 28.61 5.87 22.53
CA ASP A 91 27.40 5.80 23.37
C ASP A 91 26.76 4.42 23.29
N LEU A 92 26.85 3.81 22.11
CA LEU A 92 26.25 2.52 21.86
C LEU A 92 27.15 1.43 22.40
N GLU A 93 28.45 1.61 22.21
CA GLU A 93 29.42 0.61 22.63
C GLU A 93 29.49 0.53 24.14
N ASN A 94 29.14 1.63 24.80
CA ASN A 94 29.18 1.69 26.26
C ASN A 94 27.80 1.63 26.92
N LEU A 95 26.77 1.41 26.12
CA LEU A 95 25.39 1.46 26.61
C LEU A 95 25.17 0.57 27.84
N PRO A 96 24.68 1.17 28.94
CA PRO A 96 24.34 0.41 30.15
C PRO A 96 23.31 -0.67 29.81
N GLU A 97 23.42 -1.84 30.43
CA GLU A 97 22.58 -2.97 30.04
C GLU A 97 21.09 -2.82 30.36
N ASP A 98 20.75 -1.80 31.15
CA ASP A 98 19.34 -1.54 31.45
C ASP A 98 18.72 -0.52 30.50
N LYS A 99 19.53 -0.01 29.58
CA LYS A 99 19.10 1.03 28.64
C LYS A 99 18.67 0.47 27.28
N ILE A 100 17.79 1.22 26.62
CA ILE A 100 17.47 0.98 25.21
C ILE A 100 17.98 2.18 24.42
N GLY A 101 18.88 1.96 23.46
CA GLY A 101 19.46 3.07 22.72
C GLY A 101 18.48 3.62 21.68
N ALA A 102 18.51 4.93 21.47
CA ALA A 102 17.74 5.56 20.38
C ALA A 102 18.64 6.55 19.64
N MET A 103 18.70 6.44 18.32
CA MET A 103 19.45 7.41 17.53
C MET A 103 18.53 8.09 16.52
N LEU A 104 18.90 9.31 16.14
CA LEU A 104 18.20 10.03 15.09
C LEU A 104 18.86 9.72 13.75
N THR A 105 18.04 9.57 12.71
CA THR A 105 18.53 9.46 11.35
C THR A 105 17.75 10.45 10.49
N LEU A 106 18.27 10.82 9.33
CA LEU A 106 17.62 11.82 8.48
C LEU A 106 17.17 11.25 7.14
N GLU A 107 15.87 11.20 6.90
CA GLU A 107 15.34 10.53 5.71
C GLU A 107 15.13 11.51 4.57
N GLY A 108 16.19 11.79 3.81
CA GLY A 108 16.16 12.81 2.78
C GLY A 108 16.60 14.16 3.33
N ILE A 109 17.45 14.86 2.59
CA ILE A 109 17.97 16.16 3.06
C ILE A 109 17.07 17.38 2.80
N GLU A 110 15.84 17.14 2.37
CA GLU A 110 14.91 18.23 2.13
C GLU A 110 14.93 19.33 3.22
N PRO A 111 14.95 18.94 4.51
CA PRO A 111 14.86 20.00 5.52
C PRO A 111 16.03 21.01 5.54
N ILE A 112 17.18 20.67 4.96
CA ILE A 112 18.30 21.62 5.04
C ILE A 112 18.31 22.67 3.95
N GLY A 113 17.38 22.58 3.01
CA GLY A 113 17.43 23.50 1.88
C GLY A 113 18.79 23.40 1.18
N ARG A 114 19.42 24.55 0.94
CA ARG A 114 20.73 24.60 0.28
C ARG A 114 21.82 24.83 1.31
N ASP A 115 21.47 24.70 2.59
CA ASP A 115 22.35 25.15 3.67
C ASP A 115 23.06 23.98 4.36
N LEU A 116 24.34 23.82 4.07
CA LEU A 116 25.10 22.74 4.71
C LEU A 116 25.19 22.93 6.22
N ASP A 117 25.07 24.17 6.66
CA ASP A 117 25.12 24.45 8.10
C ASP A 117 23.93 23.84 8.82
N LYS A 118 22.79 23.70 8.13
CA LYS A 118 21.64 23.06 8.75
C LYS A 118 21.93 21.58 8.97
N LEU A 119 22.64 20.97 8.03
CA LEU A 119 23.04 19.58 8.19
C LEU A 119 24.00 19.49 9.36
N THR A 120 24.95 20.42 9.43
CA THR A 120 25.88 20.40 10.54
C THR A 120 25.15 20.45 11.87
N GLN A 121 24.14 21.31 11.96
CA GLN A 121 23.32 21.40 13.17
C GLN A 121 22.71 20.04 13.54
N LEU A 122 22.18 19.35 12.54
CA LEU A 122 21.55 18.04 12.79
C LEU A 122 22.58 17.00 13.21
N LEU A 123 23.75 17.02 12.58
CA LEU A 123 24.80 16.09 12.96
C LEU A 123 25.27 16.38 14.39
N ASP A 124 25.42 17.66 14.72
CA ASP A 124 25.80 18.02 16.08
C ASP A 124 24.74 17.55 17.06
N GLY A 125 23.49 17.55 16.61
CA GLY A 125 22.39 17.07 17.44
C GLY A 125 22.36 15.55 17.56
N GLY A 126 23.20 14.88 16.80
CA GLY A 126 23.34 13.44 16.93
C GLY A 126 22.81 12.58 15.80
N VAL A 127 22.44 13.16 14.67
CA VAL A 127 21.99 12.35 13.55
C VAL A 127 23.16 11.46 13.13
N LEU A 128 22.95 10.14 13.10
CA LEU A 128 24.03 9.18 12.84
C LEU A 128 23.90 8.44 11.51
N SER A 129 22.82 8.67 10.78
CA SER A 129 22.68 8.13 9.44
C SER A 129 21.89 9.13 8.62
N VAL A 130 22.31 9.35 7.37
CA VAL A 130 21.62 10.30 6.49
C VAL A 130 21.32 9.67 5.14
N GLY A 131 20.03 9.59 4.80
CA GLY A 131 19.63 9.26 3.44
C GLY A 131 19.56 10.55 2.66
N LEU A 132 20.31 10.62 1.55
CA LEU A 132 20.35 11.86 0.78
C LEU A 132 18.97 12.18 0.24
N THR A 133 18.19 11.16 -0.09
CA THR A 133 16.87 11.37 -0.69
C THR A 133 15.77 10.55 -0.02
N TRP A 134 14.54 11.03 -0.17
CA TRP A 134 13.38 10.17 -0.09
C TRP A 134 13.08 9.73 -1.53
N ASN A 135 11.82 9.63 -1.93
CA ASN A 135 11.50 9.14 -3.29
C ASN A 135 11.65 10.19 -4.39
N ASN A 136 11.75 11.45 -4.01
CA ASN A 136 11.69 12.53 -4.98
C ASN A 136 13.04 13.14 -5.36
N ALA A 137 13.04 13.90 -6.44
CA ALA A 137 14.18 14.75 -6.76
C ALA A 137 14.40 15.77 -5.64
N ASN A 138 15.66 15.93 -5.20
CA ASN A 138 16.01 17.02 -4.27
C ASN A 138 17.37 17.62 -4.64
N LEU A 139 17.85 18.57 -3.85
CA LEU A 139 19.06 19.31 -4.22
C LEU A 139 20.34 18.46 -4.15
N ALA A 140 20.25 17.25 -3.59
CA ALA A 140 21.42 16.38 -3.45
C ALA A 140 21.49 15.30 -4.52
N ALA A 141 20.34 14.79 -4.94
CA ALA A 141 20.26 13.69 -5.90
C ALA A 141 18.81 13.43 -6.26
N ASP A 142 18.58 12.60 -7.27
CA ASP A 142 17.24 12.09 -7.51
C ASP A 142 16.96 10.82 -6.68
N GLY A 143 15.80 10.81 -6.03
CA GLY A 143 15.29 9.61 -5.38
C GLY A 143 14.66 8.65 -6.39
N ILE A 144 14.28 7.46 -5.91
CA ILE A 144 13.97 6.34 -6.81
C ILE A 144 12.70 6.56 -7.63
N MET A 145 11.78 7.39 -7.15
CA MET A 145 10.54 7.59 -7.91
C MET A 145 10.60 8.71 -8.95
N GLU A 146 11.70 9.48 -8.97
CA GLU A 146 11.80 10.55 -9.95
C GLU A 146 12.15 9.96 -11.32
N GLU A 147 11.32 10.21 -12.32
CA GLU A 147 11.56 9.59 -13.63
C GLU A 147 12.91 9.94 -14.25
N ARG A 148 13.42 11.14 -14.00
CA ARG A 148 14.73 11.52 -14.55
C ARG A 148 15.83 10.56 -14.11
N GLY A 149 15.74 10.10 -12.88
CA GLY A 149 16.70 9.13 -12.34
C GLY A 149 18.16 9.57 -12.32
N ALA A 150 18.42 10.86 -12.11
CA ALA A 150 19.79 11.36 -12.11
C ALA A 150 20.58 10.97 -10.84
N GLY A 151 21.89 11.15 -10.92
CA GLY A 151 22.79 10.84 -9.81
C GLY A 151 23.00 12.01 -8.87
N LEU A 152 24.23 12.15 -8.36
CA LEU A 152 24.50 13.15 -7.33
C LEU A 152 24.80 14.53 -7.90
N THR A 153 24.30 15.57 -7.24
CA THR A 153 24.78 16.93 -7.53
C THR A 153 26.09 17.17 -6.78
N ARG A 154 26.77 18.27 -7.10
CA ARG A 154 27.95 18.66 -6.32
C ARG A 154 27.59 18.73 -4.83
N PHE A 155 26.41 19.26 -4.52
CA PHE A 155 25.96 19.42 -3.14
C PHE A 155 25.86 18.04 -2.49
N GLY A 156 25.33 17.08 -3.24
CA GLY A 156 25.23 15.71 -2.78
C GLY A 156 26.60 15.14 -2.46
N LYS A 157 27.56 15.37 -3.35
CA LYS A 157 28.94 14.94 -3.10
C LYS A 157 29.55 15.61 -1.87
N ASP A 158 29.32 16.92 -1.74
CA ASP A 158 29.80 17.65 -0.57
C ASP A 158 29.19 17.10 0.72
N ILE A 159 27.92 16.74 0.67
CA ILE A 159 27.27 16.16 1.85
C ILE A 159 27.95 14.87 2.25
N ILE A 160 28.16 13.98 1.28
CA ILE A 160 28.76 12.69 1.56
C ILE A 160 30.14 12.90 2.17
N HIS A 161 30.89 13.87 1.66
CA HIS A 161 32.20 14.15 2.25
C HIS A 161 32.10 14.50 3.73
N LEU A 162 31.10 15.32 4.08
CA LEU A 162 30.89 15.71 5.47
C LEU A 162 30.53 14.49 6.31
N LEU A 163 29.65 13.65 5.77
CA LEU A 163 29.25 12.44 6.47
C LEU A 163 30.44 11.55 6.75
N ASN A 164 31.28 11.33 5.75
CA ASN A 164 32.50 10.54 5.91
C ASN A 164 33.36 11.11 7.02
N GLU A 165 33.54 12.42 6.98
CA GLU A 165 34.38 13.11 7.95
C GLU A 165 33.85 12.92 9.37
N ARG A 166 32.52 12.96 9.49
CA ARG A 166 31.84 12.89 10.79
C ARG A 166 31.54 11.46 11.27
N LYS A 167 31.93 10.46 10.49
CA LYS A 167 31.69 9.05 10.83
C LYS A 167 30.20 8.77 10.94
N VAL A 168 29.45 9.27 9.97
CA VAL A 168 28.00 9.10 9.87
C VAL A 168 27.72 8.18 8.67
N PHE A 169 26.68 7.34 8.75
CA PHE A 169 26.35 6.49 7.62
C PHE A 169 25.74 7.31 6.50
N THR A 170 26.02 6.91 5.27
CA THR A 170 25.29 7.37 4.11
C THR A 170 24.29 6.29 3.71
N ASP A 171 23.01 6.64 3.71
CA ASP A 171 21.93 5.67 3.55
C ASP A 171 21.43 5.68 2.10
N VAL A 172 21.51 4.53 1.44
CA VAL A 172 21.13 4.42 0.03
C VAL A 172 19.67 4.06 -0.20
N SER A 173 18.94 3.66 0.84
CA SER A 173 17.52 3.39 0.65
C SER A 173 16.83 4.64 0.08
N HIS A 174 16.02 4.46 -0.97
CA HIS A 174 15.32 5.55 -1.63
C HIS A 174 16.08 6.25 -2.78
N LEU A 175 17.38 6.03 -2.89
CA LEU A 175 18.16 6.67 -3.96
C LEU A 175 17.79 6.11 -5.32
N SER A 176 17.87 6.96 -6.35
CA SER A 176 17.79 6.46 -7.72
C SER A 176 18.89 5.43 -7.97
N VAL A 177 18.72 4.61 -9.00
CA VAL A 177 19.74 3.63 -9.32
C VAL A 177 21.08 4.33 -9.60
N LYS A 178 21.05 5.39 -10.41
CA LYS A 178 22.29 6.11 -10.71
C LYS A 178 22.96 6.69 -9.45
N ALA A 179 22.16 7.31 -8.57
CA ALA A 179 22.69 7.88 -7.33
C ALA A 179 23.26 6.78 -6.43
N PHE A 180 22.62 5.61 -6.42
CA PHE A 180 23.15 4.48 -5.66
C PHE A 180 24.60 4.19 -6.06
N TRP A 181 24.84 4.00 -7.35
CA TRP A 181 26.17 3.61 -7.80
C TRP A 181 27.20 4.70 -7.51
N GLU A 182 26.83 5.96 -7.75
CA GLU A 182 27.75 7.05 -7.49
C GLU A 182 28.04 7.15 -6.00
N THR A 183 27.03 6.89 -5.19
CA THR A 183 27.17 6.98 -3.73
C THR A 183 28.14 5.94 -3.17
N LEU A 184 28.11 4.74 -3.74
CA LEU A 184 29.02 3.68 -3.30
C LEU A 184 30.46 4.10 -3.56
N GLU A 185 30.69 4.86 -4.62
CA GLU A 185 32.05 5.32 -4.93
C GLU A 185 32.50 6.41 -3.96
N GLN A 186 31.56 7.23 -3.50
CA GLN A 186 31.87 8.42 -2.69
C GLN A 186 31.87 8.17 -1.18
N ALA A 187 30.92 7.35 -0.73
CA ALA A 187 30.63 7.22 0.69
C ALA A 187 31.51 6.17 1.37
N GLU A 188 31.96 6.48 2.58
CA GLU A 188 32.85 5.58 3.32
C GLU A 188 32.09 4.55 4.13
N PHE A 189 30.98 4.98 4.72
CA PHE A 189 30.19 4.14 5.61
C PHE A 189 28.78 3.98 5.06
N VAL A 190 28.54 2.89 4.35
CA VAL A 190 27.32 2.75 3.58
C VAL A 190 26.33 1.83 4.26
N ILE A 191 25.07 2.20 4.20
CA ILE A 191 24.00 1.38 4.73
C ILE A 191 22.79 1.51 3.81
N ALA A 192 21.97 0.47 3.79
CA ALA A 192 20.63 0.59 3.26
C ALA A 192 19.76 0.32 4.48
N SER A 193 19.15 1.38 5.02
CA SER A 193 18.50 1.33 6.32
C SER A 193 17.16 0.58 6.29
N HIS A 194 16.56 0.44 5.11
CA HIS A 194 15.30 -0.26 4.97
C HIS A 194 15.02 -0.57 3.49
N SER A 195 15.63 -1.66 3.02
CA SER A 195 15.48 -2.14 1.65
C SER A 195 15.52 -3.66 1.60
N ASN A 196 14.73 -4.23 0.68
CA ASN A 196 14.72 -5.67 0.48
C ASN A 196 15.40 -6.07 -0.83
N ALA A 197 15.28 -7.34 -1.21
CA ALA A 197 15.92 -7.85 -2.43
C ALA A 197 14.95 -7.90 -3.61
N LYS A 198 15.30 -7.18 -4.67
CA LYS A 198 14.44 -7.01 -5.85
C LYS A 198 14.24 -8.29 -6.64
N ALA A 199 15.19 -9.22 -6.55
CA ALA A 199 15.02 -10.51 -7.21
C ALA A 199 13.85 -11.28 -6.61
N ILE A 200 13.58 -11.03 -5.33
CA ILE A 200 12.53 -11.73 -4.60
C ILE A 200 11.21 -10.97 -4.70
N CYS A 201 11.29 -9.65 -4.56
CA CYS A 201 10.12 -8.79 -4.77
C CYS A 201 10.57 -7.64 -5.66
N SER A 202 9.97 -7.52 -6.83
CA SER A 202 10.54 -6.66 -7.88
C SER A 202 10.26 -5.16 -7.75
N HIS A 203 9.77 -4.71 -6.60
CA HIS A 203 9.52 -3.29 -6.40
C HIS A 203 10.80 -2.46 -6.58
N PRO A 204 10.72 -1.32 -7.29
CA PRO A 204 11.89 -0.49 -7.62
C PRO A 204 12.63 0.01 -6.38
N ARG A 205 11.92 -0.03 -5.27
CA ARG A 205 12.50 0.38 -4.02
C ARG A 205 13.56 -0.60 -3.49
N ASN A 206 13.55 -1.83 -4.01
CA ASN A 206 14.47 -2.87 -3.56
C ASN A 206 15.82 -2.87 -4.28
N LEU A 207 16.75 -3.71 -3.81
CA LEU A 207 18.09 -3.75 -4.37
C LEU A 207 18.27 -4.98 -5.26
N ASP A 208 18.74 -4.80 -6.50
CA ASP A 208 18.94 -5.97 -7.38
C ASP A 208 20.21 -6.75 -7.01
N ASP A 209 20.42 -7.90 -7.64
CA ASP A 209 21.55 -8.74 -7.26
C ASP A 209 22.88 -8.03 -7.41
N GLU A 210 23.03 -7.28 -8.50
CA GLU A 210 24.26 -6.52 -8.73
C GLU A 210 24.48 -5.53 -7.59
N GLN A 211 23.41 -4.84 -7.21
CA GLN A 211 23.51 -3.87 -6.12
C GLN A 211 23.88 -4.55 -4.80
N ILE A 212 23.23 -5.67 -4.52
CA ILE A 212 23.52 -6.37 -3.28
C ILE A 212 24.97 -6.84 -3.23
N LYS A 213 25.46 -7.36 -4.37
CA LYS A 213 26.85 -7.82 -4.42
C LYS A 213 27.80 -6.66 -4.18
N ALA A 214 27.44 -5.51 -4.73
CA ALA A 214 28.27 -4.32 -4.59
C ALA A 214 28.27 -3.84 -3.14
N MET A 215 27.10 -3.92 -2.49
CA MET A 215 27.00 -3.56 -1.08
C MET A 215 27.95 -4.44 -0.25
N ILE A 216 27.91 -5.72 -0.51
CA ILE A 216 28.79 -6.68 0.18
C ILE A 216 30.27 -6.36 -0.06
N GLU A 217 30.62 -6.10 -1.31
CA GLU A 217 31.98 -5.73 -1.67
C GLU A 217 32.42 -4.44 -0.95
N HIS A 218 31.47 -3.54 -0.70
N HIS A 218 31.48 -3.54 -0.72
CA HIS A 218 31.76 -2.29 0.00
CA HIS A 218 31.78 -2.30 -0.02
C HIS A 218 31.76 -2.48 1.51
C HIS A 218 31.58 -2.46 1.48
N ASP A 219 31.49 -3.71 1.94
CA ASP A 219 31.26 -4.01 3.36
C ASP A 219 30.18 -3.13 3.98
N ALA A 220 29.07 -2.99 3.27
CA ALA A 220 27.97 -2.19 3.75
C ALA A 220 26.95 -3.07 4.46
N MET A 221 26.00 -2.45 5.16
CA MET A 221 24.93 -3.18 5.84
C MET A 221 23.64 -3.04 5.02
N ILE A 222 22.90 -4.13 4.89
CA ILE A 222 21.57 -4.08 4.31
C ILE A 222 20.55 -4.46 5.38
N HIS A 223 19.61 -3.55 5.65
CA HIS A 223 18.62 -3.76 6.71
C HIS A 223 17.26 -4.00 6.09
N VAL A 224 16.74 -5.23 6.23
CA VAL A 224 15.52 -5.65 5.57
C VAL A 224 14.28 -5.00 6.20
N VAL A 225 13.26 -4.75 5.39
CA VAL A 225 12.13 -3.91 5.77
C VAL A 225 10.82 -4.71 5.79
N PHE A 226 9.96 -4.43 6.77
CA PHE A 226 8.78 -5.25 7.01
C PHE A 226 7.52 -4.66 6.37
N TYR A 227 7.62 -4.35 5.09
CA TYR A 227 6.51 -3.77 4.35
C TYR A 227 6.07 -4.78 3.30
N PRO A 228 4.85 -5.32 3.41
CA PRO A 228 4.41 -6.34 2.46
C PRO A 228 4.66 -5.96 0.99
N LEU A 229 4.41 -4.70 0.63
CA LEU A 229 4.61 -4.26 -0.75
C LEU A 229 6.04 -4.45 -1.26
N PHE A 230 7.02 -4.41 -0.34
CA PHE A 230 8.41 -4.63 -0.74
C PHE A 230 8.86 -6.04 -0.39
N THR A 231 7.94 -6.85 0.10
CA THR A 231 8.31 -8.19 0.58
C THR A 231 7.88 -9.30 -0.38
N THR A 232 6.67 -9.19 -0.93
CA THR A 232 6.18 -10.18 -1.87
C THR A 232 5.56 -9.46 -3.06
N ASN A 233 5.66 -10.08 -4.22
CA ASN A 233 5.06 -9.53 -5.42
C ASN A 233 3.53 -9.45 -5.35
N ASN A 234 2.89 -10.34 -4.60
CA ASN A 234 1.44 -10.26 -4.50
C ASN A 234 0.95 -9.31 -3.42
N GLY A 235 1.88 -8.82 -2.60
CA GLY A 235 1.55 -7.79 -1.63
C GLY A 235 1.00 -8.28 -0.31
N VAL A 236 0.92 -9.59 -0.15
CA VAL A 236 0.51 -10.22 1.11
C VAL A 236 1.72 -10.97 1.63
N ALA A 237 2.09 -10.73 2.89
CA ALA A 237 3.34 -11.30 3.40
C ALA A 237 3.29 -11.68 4.85
N ASP A 238 4.07 -12.71 5.19
CA ASP A 238 4.22 -13.11 6.58
C ASP A 238 5.70 -13.23 6.88
N THR A 239 6.04 -13.65 8.10
CA THR A 239 7.46 -13.65 8.48
C THR A 239 8.32 -14.58 7.62
N GLU A 240 7.76 -15.71 7.18
CA GLU A 240 8.52 -16.59 6.30
C GLU A 240 8.91 -15.86 5.01
N ASP A 241 8.05 -14.99 4.54
CA ASP A 241 8.36 -14.20 3.35
C ASP A 241 9.54 -13.23 3.58
N VAL A 242 9.62 -12.65 4.77
CA VAL A 242 10.75 -11.79 5.09
C VAL A 242 12.03 -12.64 5.07
N ILE A 243 11.94 -13.85 5.60
CA ILE A 243 13.09 -14.74 5.65
C ILE A 243 13.62 -15.06 4.25
N ARG A 244 12.74 -15.07 3.24
CA ARG A 244 13.20 -15.31 1.86
C ARG A 244 14.20 -14.23 1.38
N HIS A 245 14.04 -13.02 1.87
CA HIS A 245 15.01 -11.97 1.54
C HIS A 245 16.31 -12.21 2.28
N ILE A 246 16.20 -12.56 3.56
CA ILE A 246 17.40 -12.89 4.33
C ILE A 246 18.15 -14.01 3.62
N ASP A 247 17.45 -15.10 3.31
CA ASP A 247 18.02 -16.19 2.51
C ASP A 247 18.72 -15.69 1.26
N HIS A 248 18.02 -14.85 0.48
CA HIS A 248 18.59 -14.41 -0.78
C HIS A 248 19.91 -13.68 -0.58
N ILE A 249 19.95 -12.76 0.37
CA ILE A 249 21.17 -11.97 0.59
C ILE A 249 22.30 -12.88 1.08
N CYS A 250 21.98 -13.86 1.92
CA CYS A 250 22.98 -14.83 2.37
C CYS A 250 23.53 -15.59 1.18
N GLU A 251 22.65 -15.99 0.26
CA GLU A 251 23.05 -16.72 -0.93
C GLU A 251 24.01 -15.90 -1.79
N LEU A 252 23.88 -14.59 -1.74
CA LEU A 252 24.75 -13.72 -2.51
C LEU A 252 26.04 -13.37 -1.76
N GLY A 253 26.27 -14.03 -0.64
CA GLY A 253 27.47 -13.82 0.14
C GLY A 253 27.33 -12.81 1.28
N GLY A 254 26.09 -12.45 1.63
CA GLY A 254 25.91 -11.40 2.61
C GLY A 254 25.47 -11.76 4.02
N LEU A 255 25.76 -12.99 4.45
CA LEU A 255 25.37 -13.42 5.80
C LEU A 255 25.77 -12.41 6.89
N LYS A 256 26.95 -11.82 6.74
CA LYS A 256 27.46 -10.91 7.75
C LYS A 256 27.12 -9.45 7.48
N ASN A 257 26.28 -9.21 6.47
CA ASN A 257 25.94 -7.85 6.07
C ASN A 257 24.46 -7.53 6.19
N ILE A 258 23.75 -8.40 6.92
CA ILE A 258 22.31 -8.30 7.04
C ILE A 258 21.90 -7.82 8.42
N GLY A 259 20.96 -6.89 8.45
CA GLY A 259 20.31 -6.46 9.69
C GLY A 259 18.83 -6.19 9.47
N PHE A 260 18.21 -5.54 10.44
CA PHE A 260 16.78 -5.24 10.36
C PHE A 260 16.53 -3.75 10.30
N GLY A 261 15.61 -3.35 9.41
CA GLY A 261 15.20 -1.97 9.27
C GLY A 261 13.70 -1.95 9.00
N SER A 262 12.92 -2.12 10.07
CA SER A 262 11.51 -2.45 9.96
C SER A 262 10.67 -1.51 9.11
N ASP A 263 10.90 -0.21 9.26
CA ASP A 263 9.99 0.84 8.77
C ASP A 263 8.66 0.81 9.55
N PHE A 264 8.67 0.26 10.76
CA PHE A 264 7.51 0.41 11.64
C PHE A 264 7.05 1.86 11.72
N ASP A 265 5.74 2.05 11.74
CA ASP A 265 5.11 3.37 11.80
C ASP A 265 5.22 4.18 10.51
N GLY A 266 5.82 3.59 9.48
CA GLY A 266 5.93 4.26 8.20
C GLY A 266 5.18 3.52 7.10
N ILE A 267 4.35 2.55 7.48
CA ILE A 267 3.73 1.63 6.52
C ILE A 267 2.24 1.40 6.80
N PRO A 268 1.42 1.36 5.73
CA PRO A 268 -0.05 1.27 5.79
C PRO A 268 -0.58 -0.11 6.11
N ASP A 269 0.27 -1.14 6.01
CA ASP A 269 -0.13 -2.46 6.45
C ASP A 269 1.10 -3.28 6.79
N HIS A 270 0.88 -4.46 7.36
CA HIS A 270 1.96 -5.19 8.02
C HIS A 270 2.20 -6.60 7.50
N VAL A 271 3.43 -7.04 7.72
CA VAL A 271 3.80 -8.42 7.56
C VAL A 271 3.12 -9.19 8.69
N LYS A 272 2.40 -10.26 8.35
CA LYS A 272 1.76 -11.05 9.39
C LYS A 272 2.84 -11.65 10.27
N GLY A 273 2.72 -11.41 11.58
CA GLY A 273 3.69 -11.89 12.55
C GLY A 273 4.69 -10.79 12.91
N LEU A 274 4.65 -9.70 12.15
CA LEU A 274 5.50 -8.55 12.43
C LEU A 274 4.68 -7.27 12.42
N GLU A 275 3.60 -7.26 13.20
CA GLU A 275 2.62 -6.18 13.20
C GLU A 275 3.11 -4.93 13.94
N HIS A 276 4.01 -5.13 14.90
CA HIS A 276 4.57 -4.03 15.68
C HIS A 276 5.89 -4.50 16.29
N VAL A 277 6.63 -3.57 16.87
CA VAL A 277 8.00 -3.87 17.29
C VAL A 277 8.09 -4.89 18.44
N GLY A 278 6.99 -5.05 19.18
CA GLY A 278 6.95 -6.05 20.23
C GLY A 278 6.94 -7.48 19.73
N LYS A 279 6.72 -7.66 18.43
CA LYS A 279 6.71 -8.98 17.83
C LYS A 279 8.13 -9.50 17.55
N TYR A 280 9.14 -8.66 17.76
CA TYR A 280 10.50 -9.03 17.39
C TYR A 280 10.98 -10.37 17.95
N GLN A 281 10.73 -10.63 19.23
CA GLN A 281 11.26 -11.86 19.83
C GLN A 281 10.63 -13.12 19.23
N SER A 282 9.35 -13.07 18.91
CA SER A 282 8.70 -14.22 18.29
C SER A 282 9.23 -14.45 16.86
N PHE A 283 9.57 -13.36 16.18
CA PHE A 283 10.16 -13.43 14.84
C PHE A 283 11.54 -14.07 14.91
N LEU A 284 12.35 -13.68 15.89
CA LEU A 284 13.68 -14.27 16.01
C LEU A 284 13.61 -15.79 16.28
N GLU A 285 12.61 -16.23 17.03
CA GLU A 285 12.50 -17.67 17.26
C GLU A 285 12.09 -18.40 15.99
N THR A 286 11.26 -17.75 15.16
CA THR A 286 10.93 -18.30 13.85
C THR A 286 12.19 -18.54 13.02
N LEU A 287 13.17 -17.68 13.20
CA LEU A 287 14.43 -17.78 12.47
C LEU A 287 15.23 -19.03 12.86
N GLU A 288 14.98 -19.55 14.05
CA GLU A 288 15.78 -20.67 14.53
C GLU A 288 15.68 -21.93 13.67
N LYS A 289 14.57 -22.07 12.95
CA LYS A 289 14.38 -23.19 12.02
C LYS A 289 15.29 -23.07 10.81
N HIS A 290 15.85 -21.88 10.62
CA HIS A 290 16.56 -21.57 9.39
C HIS A 290 18.05 -21.31 9.59
N TYR A 291 18.39 -20.72 10.74
CA TYR A 291 19.74 -20.24 10.99
C TYR A 291 20.18 -20.58 12.40
N THR A 292 21.48 -20.64 12.63
CA THR A 292 22.00 -20.89 13.97
C THR A 292 21.86 -19.65 14.86
N LYS A 293 21.96 -19.85 16.17
CA LYS A 293 21.90 -18.72 17.09
C LYS A 293 22.98 -17.68 16.78
N GLU A 294 24.16 -18.14 16.41
CA GLU A 294 25.23 -17.18 16.07
C GLU A 294 24.84 -16.34 14.85
N GLU A 295 24.25 -16.98 13.87
CA GLU A 295 23.83 -16.28 12.66
C GLU A 295 22.69 -15.31 12.95
N ILE A 296 21.74 -15.74 13.76
CA ILE A 296 20.60 -14.90 14.12
C ILE A 296 21.06 -13.68 14.95
N GLU A 297 22.00 -13.90 15.86
CA GLU A 297 22.56 -12.78 16.60
C GLU A 297 23.23 -11.78 15.66
N GLY A 298 23.81 -12.30 14.57
CA GLY A 298 24.36 -11.45 13.53
C GLY A 298 23.30 -10.54 12.94
N PHE A 299 22.18 -11.13 12.53
CA PHE A 299 21.07 -10.34 11.96
C PHE A 299 20.50 -9.37 12.98
N ALA A 300 20.37 -9.81 14.22
CA ALA A 300 19.70 -9.00 15.25
C ALA A 300 20.51 -7.78 15.72
N SER A 301 21.83 -7.94 15.87
CA SER A 301 22.65 -6.84 16.38
C SER A 301 24.13 -6.88 15.97
N ARG A 302 24.69 -8.08 15.90
CA ARG A 302 26.15 -8.21 15.82
C ARG A 302 26.71 -7.73 14.50
N ASN A 303 25.99 -7.96 13.40
CA ASN A 303 26.44 -7.46 12.11
C ASN A 303 26.53 -5.94 12.14
N PHE A 304 25.47 -5.29 12.60
CA PHE A 304 25.51 -3.84 12.68
C PHE A 304 26.67 -3.40 13.58
N LEU A 305 26.82 -4.06 14.72
CA LEU A 305 27.83 -3.65 15.68
C LEU A 305 29.24 -3.81 15.09
N ASN A 306 29.40 -4.79 14.21
CA ASN A 306 30.69 -5.01 13.52
C ASN A 306 30.96 -4.00 12.42
N HIS A 307 29.95 -3.19 12.07
CA HIS A 307 30.11 -2.23 10.99
C HIS A 307 29.97 -0.77 11.43
N LEU A 308 30.23 -0.48 12.70
CA LEU A 308 30.13 0.91 13.16
C LEU A 308 31.22 1.73 12.46
N PRO A 309 30.89 2.95 12.07
CA PRO A 309 31.94 3.78 11.44
C PRO A 309 33.11 4.00 12.40
N LYS A 310 34.34 3.78 11.92
CA LYS A 310 35.52 3.91 12.77
C LYS A 310 36.69 4.61 12.07
N SER B 2 -15.45 15.18 -23.49
CA SER B 2 -16.25 15.10 -22.27
C SER B 2 -17.32 14.02 -22.38
N LEU B 3 -17.16 12.95 -21.61
CA LEU B 3 -18.08 11.83 -21.66
C LEU B 3 -18.49 11.47 -20.24
N ARG B 4 -19.73 11.04 -20.07
CA ARG B 4 -20.18 10.67 -18.73
C ARG B 4 -19.56 9.33 -18.37
N VAL B 5 -19.36 9.08 -17.08
CA VAL B 5 -18.55 7.94 -16.65
C VAL B 5 -19.35 6.97 -15.76
N ILE B 6 -19.18 5.68 -16.02
CA ILE B 6 -19.66 4.65 -15.11
C ILE B 6 -18.45 3.94 -14.50
N ASP B 7 -18.40 3.92 -13.17
CA ASP B 7 -17.33 3.23 -12.46
C ASP B 7 -17.96 2.26 -11.47
N THR B 8 -17.61 0.98 -11.57
CA THR B 8 -18.35 -0.05 -10.86
C THR B 8 -17.92 -0.31 -9.41
N HIS B 9 -16.85 0.32 -8.95
CA HIS B 9 -16.30 -0.06 -7.65
C HIS B 9 -15.44 0.99 -6.95
N CYS B 10 -15.97 1.52 -5.85
CA CYS B 10 -15.15 2.29 -4.92
C CYS B 10 -15.46 1.87 -3.48
N ASP B 11 -14.51 2.13 -2.60
CA ASP B 11 -14.64 1.76 -1.20
C ASP B 11 -14.86 2.98 -0.31
N ALA B 12 -15.61 3.95 -0.82
CA ALA B 12 -15.84 5.16 -0.04
C ALA B 12 -16.57 4.85 1.26
N LEU B 13 -17.43 3.84 1.24
CA LEU B 13 -18.20 3.50 2.44
C LEU B 13 -17.27 2.97 3.52
N TYR B 14 -16.40 2.05 3.13
CA TYR B 14 -15.40 1.54 4.05
C TYR B 14 -14.64 2.69 4.69
N LYS B 15 -14.18 3.62 3.86
CA LYS B 15 -13.36 4.73 4.36
C LYS B 15 -14.16 5.69 5.23
N LEU B 16 -15.38 6.04 4.80
CA LEU B 16 -16.26 6.89 5.61
C LEU B 16 -16.47 6.31 7.00
N GLN B 17 -16.76 5.01 7.03
CA GLN B 17 -16.98 4.33 8.29
C GLN B 17 -15.75 4.34 9.18
N ALA B 18 -14.59 4.05 8.59
CA ALA B 18 -13.35 4.00 9.36
C ALA B 18 -12.93 5.38 9.85
N GLY B 19 -13.37 6.42 9.14
CA GLY B 19 -13.06 7.78 9.52
C GLY B 19 -13.80 8.21 10.78
N LYS B 20 -14.86 7.48 11.12
CA LYS B 20 -15.60 7.74 12.35
C LYS B 20 -16.00 9.21 12.46
N GLY B 21 -16.40 9.80 11.34
CA GLY B 21 -16.96 11.13 11.33
C GLY B 21 -16.05 12.26 10.92
N LYS B 22 -14.75 11.98 10.81
CA LYS B 22 -13.81 13.03 10.44
C LYS B 22 -13.81 13.40 8.95
N TYR B 23 -14.32 12.51 8.10
CA TYR B 23 -14.42 12.83 6.67
C TYR B 23 -15.85 13.14 6.23
N THR B 24 -16.06 14.31 5.64
CA THR B 24 -17.35 14.61 5.02
C THR B 24 -17.33 14.25 3.54
N PHE B 25 -18.36 13.54 3.08
CA PHE B 25 -18.42 13.08 1.69
C PHE B 25 -18.50 14.25 0.72
N GLN B 26 -18.92 15.42 1.22
CA GLN B 26 -18.98 16.60 0.37
C GLN B 26 -17.67 16.86 -0.37
N ASP B 27 -16.55 16.86 0.35
CA ASP B 27 -15.28 17.28 -0.25
C ASP B 27 -14.02 16.88 0.52
N ALA B 28 -14.10 15.88 1.38
CA ALA B 28 -12.92 15.49 2.15
C ALA B 28 -11.78 15.10 1.23
N GLU B 29 -10.64 15.76 1.39
CA GLU B 29 -9.48 15.50 0.53
C GLU B 29 -9.04 14.04 0.60
N GLU B 30 -9.31 13.41 1.75
CA GLU B 30 -8.92 12.02 2.00
C GLU B 30 -9.74 11.00 1.22
N LEU B 31 -10.89 11.41 0.71
CA LEU B 31 -11.75 10.52 -0.07
C LEU B 31 -11.46 10.66 -1.57
N ASP B 32 -10.95 9.59 -2.18
CA ASP B 32 -10.72 9.54 -3.62
C ASP B 32 -12.03 9.85 -4.34
N VAL B 33 -13.13 9.35 -3.78
CA VAL B 33 -14.45 9.62 -4.30
C VAL B 33 -15.14 10.52 -3.29
N ASN B 34 -15.46 11.75 -3.70
CA ASN B 34 -16.31 12.61 -2.88
C ASN B 34 -17.25 13.35 -3.80
N PHE B 35 -18.20 14.08 -3.24
CA PHE B 35 -19.23 14.71 -4.06
C PHE B 35 -18.65 15.66 -5.10
N GLU B 36 -17.79 16.58 -4.67
CA GLU B 36 -17.22 17.54 -5.61
C GLU B 36 -16.41 16.85 -6.70
N ARG B 37 -15.66 15.82 -6.35
CA ARG B 37 -14.89 15.10 -7.36
C ARG B 37 -15.78 14.33 -8.35
N LEU B 38 -16.90 13.80 -7.87
CA LEU B 38 -17.82 13.10 -8.74
C LEU B 38 -18.44 14.05 -9.77
N ILE B 39 -18.71 15.28 -9.34
CA ILE B 39 -19.15 16.33 -10.26
C ILE B 39 -18.08 16.57 -11.33
N GLU B 40 -16.83 16.69 -10.89
CA GLU B 40 -15.68 16.95 -11.77
C GLU B 40 -15.49 15.79 -12.77
N ALA B 41 -15.83 14.59 -12.33
CA ALA B 41 -15.70 13.36 -13.15
C ALA B 41 -16.80 13.27 -14.21
N LYS B 42 -17.87 14.03 -14.03
CA LYS B 42 -19.07 13.90 -14.88
C LYS B 42 -19.64 12.49 -14.75
N MET B 43 -19.60 11.98 -13.52
CA MET B 43 -20.04 10.62 -13.24
C MET B 43 -21.50 10.45 -13.56
N LEU B 44 -21.80 9.34 -14.25
CA LEU B 44 -23.17 8.91 -14.53
C LEU B 44 -23.62 7.88 -13.49
N LEU B 45 -22.74 6.94 -13.16
CA LEU B 45 -23.07 5.92 -12.16
C LEU B 45 -21.82 5.46 -11.43
N GLN B 46 -21.85 5.54 -10.10
CA GLN B 46 -20.78 5.04 -9.26
C GLN B 46 -21.26 3.89 -8.40
N GLY B 47 -20.53 2.78 -8.42
CA GLY B 47 -20.81 1.67 -7.52
C GLY B 47 -20.09 1.83 -6.20
N PHE B 48 -20.85 1.73 -5.12
CA PHE B 48 -20.32 1.84 -3.77
C PHE B 48 -20.36 0.49 -3.09
N ALA B 49 -19.19 -0.12 -2.92
CA ALA B 49 -19.10 -1.46 -2.32
C ALA B 49 -19.33 -1.44 -0.80
N ILE B 50 -20.00 -2.47 -0.32
CA ILE B 50 -20.10 -2.72 1.11
C ILE B 50 -18.98 -3.68 1.44
N PHE B 51 -18.02 -3.23 2.24
CA PHE B 51 -16.85 -4.05 2.55
C PHE B 51 -16.35 -3.82 3.97
N LEU B 52 -16.09 -4.92 4.67
CA LEU B 52 -15.58 -4.86 6.03
C LEU B 52 -14.18 -5.48 6.16
N ASP B 53 -13.28 -4.77 6.84
CA ASP B 53 -11.93 -5.27 7.15
C ASP B 53 -12.01 -6.70 7.66
N GLU B 54 -11.05 -7.53 7.29
CA GLU B 54 -11.14 -8.95 7.62
C GLU B 54 -11.11 -9.15 9.13
N ASP B 55 -10.63 -8.14 9.84
CA ASP B 55 -10.51 -8.24 11.30
C ASP B 55 -11.84 -8.01 12.05
N ILE B 56 -12.76 -7.25 11.47
CA ILE B 56 -14.08 -7.10 12.09
C ILE B 56 -14.57 -8.50 12.39
N PRO B 57 -14.83 -8.79 13.67
CA PRO B 57 -15.23 -10.13 14.12
C PRO B 57 -16.51 -10.60 13.46
N VAL B 58 -16.61 -11.90 13.27
CA VAL B 58 -17.81 -12.49 12.74
C VAL B 58 -19.06 -12.02 13.51
N GLU B 59 -18.90 -11.71 14.80
CA GLU B 59 -20.02 -11.24 15.63
C GLU B 59 -20.60 -9.91 15.15
N HIS B 60 -19.78 -9.10 14.51
CA HIS B 60 -20.16 -7.72 14.25
C HIS B 60 -20.23 -7.35 12.78
N LYS B 61 -19.95 -8.30 11.90
CA LYS B 61 -19.91 -8.03 10.47
C LYS B 61 -21.24 -7.52 9.94
N TRP B 62 -22.34 -8.14 10.36
CA TRP B 62 -23.65 -7.73 9.87
C TRP B 62 -23.96 -6.30 10.31
N LYS B 63 -23.80 -6.01 11.60
CA LYS B 63 -24.14 -4.66 12.08
C LYS B 63 -23.26 -3.62 11.37
N LYS B 64 -21.99 -3.95 11.15
CA LYS B 64 -21.07 -3.02 10.50
C LYS B 64 -21.43 -2.79 9.03
N ALA B 65 -21.90 -3.84 8.36
CA ALA B 65 -22.34 -3.73 6.97
C ALA B 65 -23.61 -2.89 6.85
N VAL B 66 -24.56 -3.12 7.75
CA VAL B 66 -25.77 -2.30 7.80
C VAL B 66 -25.42 -0.83 8.04
N GLU B 67 -24.45 -0.59 8.93
CA GLU B 67 -23.98 0.75 9.18
C GLU B 67 -23.51 1.41 7.88
N GLN B 68 -22.81 0.66 7.03
CA GLN B 68 -22.33 1.23 5.76
C GLN B 68 -23.49 1.58 4.84
N VAL B 69 -24.50 0.72 4.81
CA VAL B 69 -25.70 1.03 4.03
C VAL B 69 -26.31 2.33 4.54
N ASN B 70 -26.38 2.47 5.86
CA ASN B 70 -26.96 3.67 6.45
C ASN B 70 -26.13 4.93 6.14
N ILE B 71 -24.80 4.80 6.19
CA ILE B 71 -23.91 5.89 5.75
C ILE B 71 -24.21 6.28 4.31
N PHE B 72 -24.35 5.28 3.44
CA PHE B 72 -24.70 5.53 2.04
C PHE B 72 -25.99 6.35 1.94
N LYS B 73 -27.02 5.92 2.65
CA LYS B 73 -28.32 6.58 2.53
C LYS B 73 -28.34 7.96 3.16
N GLN B 74 -27.56 8.16 4.23
CA GLN B 74 -27.56 9.42 4.95
C GLN B 74 -26.54 10.43 4.45
N HIS B 75 -25.41 9.94 3.95
CA HIS B 75 -24.30 10.84 3.66
C HIS B 75 -23.87 10.87 2.22
N VAL B 76 -24.21 9.84 1.46
CA VAL B 76 -23.88 9.84 0.05
C VAL B 76 -25.08 10.35 -0.71
N LEU B 77 -26.23 9.74 -0.42
CA LEU B 77 -27.46 9.99 -1.15
C LEU B 77 -28.00 11.41 -0.96
N HIS B 78 -28.58 11.94 -2.04
CA HIS B 78 -29.21 13.25 -2.07
C HIS B 78 -28.20 14.40 -2.02
N LYS B 79 -26.92 14.06 -2.03
CA LYS B 79 -25.88 15.07 -2.04
C LYS B 79 -26.14 16.07 -3.16
N GLY B 80 -26.04 17.35 -2.83
CA GLY B 80 -26.31 18.42 -3.79
C GLY B 80 -27.63 18.23 -4.52
N GLY B 81 -28.53 17.46 -3.91
CA GLY B 81 -29.78 17.07 -4.54
C GLY B 81 -29.55 16.29 -5.82
N ILE B 82 -28.28 16.01 -6.12
CA ILE B 82 -27.89 15.48 -7.42
C ILE B 82 -27.68 13.97 -7.41
N ILE B 83 -27.19 13.43 -6.28
CA ILE B 83 -26.92 11.99 -6.24
C ILE B 83 -28.23 11.23 -6.07
N HIS B 84 -28.51 10.34 -7.00
CA HIS B 84 -29.79 9.64 -7.05
C HIS B 84 -29.55 8.15 -6.85
N HIS B 85 -30.27 7.52 -5.92
CA HIS B 85 -30.07 6.10 -5.68
C HIS B 85 -30.60 5.23 -6.82
N VAL B 86 -29.69 4.59 -7.55
CA VAL B 86 -30.08 3.59 -8.53
C VAL B 86 -30.31 2.27 -7.80
N LYS B 87 -31.57 1.86 -7.67
CA LYS B 87 -31.93 0.62 -6.95
C LYS B 87 -32.35 -0.50 -7.88
N LYS B 88 -32.84 -0.12 -9.06
CA LYS B 88 -33.22 -1.09 -10.07
C LYS B 88 -32.60 -0.58 -11.36
N TRP B 89 -32.36 -1.48 -12.31
CA TRP B 89 -31.70 -1.08 -13.56
C TRP B 89 -32.51 -0.06 -14.34
N CYS B 90 -33.82 -0.04 -14.11
CA CYS B 90 -34.67 0.93 -14.79
C CYS B 90 -34.42 2.34 -14.25
N ASP B 91 -33.97 2.46 -13.00
CA ASP B 91 -33.60 3.74 -12.42
C ASP B 91 -32.46 4.35 -13.22
N LEU B 92 -31.61 3.49 -13.77
CA LEU B 92 -30.42 3.94 -14.47
C LEU B 92 -30.78 4.34 -15.89
N GLU B 93 -31.66 3.55 -16.50
CA GLU B 93 -32.14 3.82 -17.84
C GLU B 93 -32.99 5.09 -17.89
N ASN B 94 -33.64 5.42 -16.77
CA ASN B 94 -34.48 6.61 -16.72
C ASN B 94 -33.85 7.76 -15.91
N LEU B 95 -32.55 7.70 -15.67
CA LEU B 95 -31.86 8.75 -14.92
C LEU B 95 -31.86 10.08 -15.67
N PRO B 96 -32.35 11.13 -15.02
CA PRO B 96 -32.31 12.48 -15.60
C PRO B 96 -30.87 12.94 -15.81
N GLU B 97 -30.61 13.64 -16.91
CA GLU B 97 -29.25 14.05 -17.26
C GLU B 97 -28.51 14.81 -16.17
N ASP B 98 -29.25 15.47 -15.29
CA ASP B 98 -28.63 16.33 -14.29
C ASP B 98 -28.26 15.56 -13.02
N LYS B 99 -28.58 14.28 -12.98
CA LYS B 99 -28.33 13.50 -11.77
C LYS B 99 -27.08 12.62 -11.90
N ILE B 100 -26.51 12.26 -10.75
CA ILE B 100 -25.43 11.29 -10.70
C ILE B 100 -25.96 10.04 -9.98
N GLY B 101 -25.93 8.91 -10.65
CA GLY B 101 -26.48 7.69 -10.06
C GLY B 101 -25.48 7.06 -9.09
N ALA B 102 -25.99 6.45 -8.03
CA ALA B 102 -25.17 5.74 -7.06
C ALA B 102 -25.84 4.40 -6.75
N MET B 103 -25.08 3.32 -6.83
CA MET B 103 -25.62 2.00 -6.50
C MET B 103 -24.75 1.31 -5.47
N LEU B 104 -25.35 0.39 -4.73
CA LEU B 104 -24.66 -0.40 -3.73
C LEU B 104 -24.23 -1.73 -4.35
N THR B 105 -23.04 -2.21 -3.98
CA THR B 105 -22.62 -3.54 -4.37
C THR B 105 -22.09 -4.20 -3.10
N LEU B 106 -21.94 -5.53 -3.12
CA LEU B 106 -21.51 -6.25 -1.93
C LEU B 106 -20.19 -6.95 -2.20
N GLU B 107 -19.18 -6.63 -1.41
CA GLU B 107 -17.85 -7.17 -1.67
C GLU B 107 -17.52 -8.35 -0.76
N GLY B 108 -18.00 -9.52 -1.14
CA GLY B 108 -17.87 -10.72 -0.32
C GLY B 108 -19.10 -10.89 0.56
N ILE B 109 -19.56 -12.14 0.72
CA ILE B 109 -20.79 -12.37 1.49
C ILE B 109 -20.59 -12.55 3.00
N GLU B 110 -19.38 -12.29 3.48
CA GLU B 110 -19.07 -12.39 4.90
C GLU B 110 -20.15 -11.84 5.86
N PRO B 111 -20.70 -10.65 5.55
CA PRO B 111 -21.64 -10.07 6.53
C PRO B 111 -22.92 -10.86 6.73
N ILE B 112 -23.28 -11.74 5.80
CA ILE B 112 -24.57 -12.44 5.93
C ILE B 112 -24.47 -13.71 6.77
N GLY B 113 -23.26 -14.09 7.16
CA GLY B 113 -23.06 -15.37 7.82
C GLY B 113 -23.66 -16.51 7.01
N ARG B 114 -24.47 -17.36 7.65
CA ARG B 114 -25.13 -18.43 6.90
C ARG B 114 -26.57 -18.07 6.57
N ASP B 115 -26.91 -16.79 6.70
CA ASP B 115 -28.30 -16.35 6.59
C ASP B 115 -28.66 -15.75 5.24
N LEU B 116 -29.27 -16.56 4.38
CA LEU B 116 -29.66 -16.13 3.04
C LEU B 116 -30.61 -14.93 3.09
N ASP B 117 -31.34 -14.81 4.20
CA ASP B 117 -32.30 -13.72 4.35
C ASP B 117 -31.61 -12.38 4.49
N LYS B 118 -30.41 -12.40 5.08
CA LYS B 118 -29.64 -11.17 5.17
C LYS B 118 -29.22 -10.72 3.77
N LEU B 119 -28.93 -11.67 2.89
CA LEU B 119 -28.68 -11.30 1.50
C LEU B 119 -29.94 -10.69 0.86
N THR B 120 -31.09 -11.31 1.08
CA THR B 120 -32.33 -10.79 0.53
C THR B 120 -32.60 -9.36 1.00
N GLN B 121 -32.29 -9.07 2.26
CA GLN B 121 -32.46 -7.73 2.79
C GLN B 121 -31.59 -6.74 2.02
N LEU B 122 -30.35 -7.13 1.77
CA LEU B 122 -29.44 -6.27 1.03
C LEU B 122 -29.93 -6.06 -0.42
N LEU B 123 -30.40 -7.13 -1.06
CA LEU B 123 -30.96 -7.02 -2.40
C LEU B 123 -32.20 -6.12 -2.41
N ASP B 124 -33.10 -6.32 -1.44
CA ASP B 124 -34.25 -5.44 -1.30
C ASP B 124 -33.82 -3.98 -1.06
N GLY B 125 -32.67 -3.79 -0.41
CA GLY B 125 -32.15 -2.46 -0.18
C GLY B 125 -31.46 -1.81 -1.37
N GLY B 126 -31.30 -2.56 -2.45
CA GLY B 126 -30.73 -2.02 -3.67
C GLY B 126 -29.40 -2.58 -4.15
N VAL B 127 -28.82 -3.56 -3.45
CA VAL B 127 -27.56 -4.14 -3.91
C VAL B 127 -27.73 -4.74 -5.31
N LEU B 128 -26.94 -4.27 -6.27
CA LEU B 128 -27.10 -4.65 -7.66
C LEU B 128 -25.97 -5.51 -8.23
N SER B 129 -24.93 -5.72 -7.43
CA SER B 129 -23.84 -6.59 -7.83
C SER B 129 -23.28 -7.22 -6.57
N VAL B 130 -23.06 -8.52 -6.60
CA VAL B 130 -22.52 -9.23 -5.45
C VAL B 130 -21.28 -10.03 -5.80
N GLY B 131 -20.18 -9.78 -5.10
CA GLY B 131 -19.00 -10.63 -5.22
C GLY B 131 -19.12 -11.66 -4.10
N LEU B 132 -19.07 -12.95 -4.44
CA LEU B 132 -19.22 -13.98 -3.41
C LEU B 132 -18.09 -13.87 -2.40
N THR B 133 -16.90 -13.52 -2.87
CA THR B 133 -15.74 -13.49 -1.97
C THR B 133 -14.97 -12.18 -2.03
N TRP B 134 -14.24 -11.92 -0.95
CA TRP B 134 -13.09 -11.05 -1.03
C TRP B 134 -11.89 -12.00 -1.20
N ASN B 135 -10.74 -11.68 -0.61
CA ASN B 135 -9.54 -12.50 -0.83
C ASN B 135 -9.50 -13.83 -0.10
N ASN B 136 -10.35 -14.00 0.90
CA ASN B 136 -10.27 -15.13 1.83
C ASN B 136 -11.30 -16.22 1.61
N ALA B 137 -11.10 -17.34 2.28
CA ALA B 137 -12.11 -18.38 2.37
C ALA B 137 -13.37 -17.85 3.05
N ASN B 138 -14.53 -18.12 2.47
CA ASN B 138 -15.79 -17.88 3.18
C ASN B 138 -16.81 -18.99 2.92
N LEU B 139 -18.03 -18.82 3.44
CA LEU B 139 -19.01 -19.90 3.39
C LEU B 139 -19.55 -20.15 1.99
N ALA B 140 -19.25 -19.26 1.07
CA ALA B 140 -19.73 -19.42 -0.31
C ALA B 140 -18.66 -20.01 -1.26
N ALA B 141 -17.40 -19.67 -1.01
CA ALA B 141 -16.31 -20.10 -1.90
C ALA B 141 -14.96 -19.65 -1.33
N ASP B 142 -13.87 -20.05 -1.97
CA ASP B 142 -12.56 -19.53 -1.60
C ASP B 142 -12.22 -18.35 -2.48
N GLY B 143 -11.76 -17.27 -1.84
CA GLY B 143 -11.20 -16.13 -2.52
C GLY B 143 -9.82 -16.44 -3.06
N ILE B 144 -9.29 -15.51 -3.85
CA ILE B 144 -8.07 -15.74 -4.62
C ILE B 144 -6.80 -15.92 -3.77
N MET B 145 -6.79 -15.39 -2.55
CA MET B 145 -5.59 -15.47 -1.72
C MET B 145 -5.59 -16.68 -0.79
N GLU B 146 -6.69 -17.45 -0.78
CA GLU B 146 -6.73 -18.67 0.02
C GLU B 146 -5.97 -19.80 -0.68
N GLU B 147 -5.00 -20.36 0.04
CA GLU B 147 -4.15 -21.44 -0.47
C GLU B 147 -4.96 -22.58 -1.03
N ARG B 148 -6.02 -22.95 -0.33
CA ARG B 148 -6.77 -24.14 -0.71
C ARG B 148 -7.34 -24.00 -2.13
N GLY B 149 -7.76 -22.79 -2.48
CA GLY B 149 -8.27 -22.49 -3.81
C GLY B 149 -9.53 -23.23 -4.24
N ALA B 150 -10.44 -23.48 -3.30
CA ALA B 150 -11.62 -24.27 -3.64
C ALA B 150 -12.67 -23.49 -4.44
N GLY B 151 -13.61 -24.22 -5.00
CA GLY B 151 -14.71 -23.64 -5.75
C GLY B 151 -15.89 -23.28 -4.87
N LEU B 152 -17.09 -23.40 -5.43
CA LEU B 152 -18.30 -23.01 -4.73
C LEU B 152 -18.81 -24.09 -3.78
N THR B 153 -19.31 -23.67 -2.62
CA THR B 153 -20.14 -24.55 -1.78
C THR B 153 -21.57 -24.56 -2.31
N ARG B 154 -22.42 -25.43 -1.77
CA ARG B 154 -23.84 -25.41 -2.13
C ARG B 154 -24.44 -24.03 -1.83
N PHE B 155 -24.03 -23.45 -0.71
CA PHE B 155 -24.47 -22.11 -0.32
C PHE B 155 -24.14 -21.07 -1.40
N GLY B 156 -22.90 -21.13 -1.91
CA GLY B 156 -22.49 -20.26 -3.00
C GLY B 156 -23.36 -20.45 -4.23
N LYS B 157 -23.68 -21.70 -4.55
CA LYS B 157 -24.56 -21.95 -5.69
C LYS B 157 -25.96 -21.40 -5.44
N ASP B 158 -26.47 -21.60 -4.23
CA ASP B 158 -27.79 -21.11 -3.86
C ASP B 158 -27.83 -19.58 -3.96
N ILE B 159 -26.75 -18.93 -3.55
CA ILE B 159 -26.65 -17.48 -3.66
C ILE B 159 -26.74 -17.04 -5.13
N ILE B 160 -25.95 -17.68 -5.99
CA ILE B 160 -25.96 -17.30 -7.41
C ILE B 160 -27.35 -17.49 -8.02
N HIS B 161 -28.03 -18.56 -7.63
CA HIS B 161 -29.37 -18.78 -8.12
C HIS B 161 -30.26 -17.58 -7.76
N LEU B 162 -30.12 -17.09 -6.54
CA LEU B 162 -30.88 -15.93 -6.08
C LEU B 162 -30.51 -14.69 -6.90
N LEU B 163 -29.22 -14.50 -7.17
CA LEU B 163 -28.79 -13.34 -7.94
C LEU B 163 -29.40 -13.37 -9.34
N ASN B 164 -29.35 -14.54 -9.97
CA ASN B 164 -29.94 -14.70 -11.28
C ASN B 164 -31.40 -14.29 -11.29
N GLU B 165 -32.17 -14.80 -10.33
CA GLU B 165 -33.60 -14.52 -10.34
C GLU B 165 -33.90 -13.07 -10.05
N ARG B 166 -32.98 -12.40 -9.36
CA ARG B 166 -33.16 -11.00 -8.99
C ARG B 166 -32.53 -10.03 -10.00
N LYS B 167 -31.96 -10.58 -11.07
CA LYS B 167 -31.31 -9.79 -12.09
C LYS B 167 -30.19 -8.96 -11.49
N VAL B 168 -29.37 -9.61 -10.67
CA VAL B 168 -28.25 -8.95 -10.01
C VAL B 168 -26.96 -9.52 -10.57
N PHE B 169 -25.92 -8.70 -10.71
CA PHE B 169 -24.64 -9.19 -11.21
C PHE B 169 -23.97 -10.13 -10.21
N THR B 170 -23.35 -11.19 -10.71
CA THR B 170 -22.40 -11.97 -9.92
C THR B 170 -20.99 -11.49 -10.29
N ASP B 171 -20.23 -11.02 -9.30
CA ASP B 171 -18.94 -10.38 -9.51
C ASP B 171 -17.82 -11.39 -9.23
N VAL B 172 -17.00 -11.67 -10.25
CA VAL B 172 -15.93 -12.66 -10.09
C VAL B 172 -14.62 -12.08 -9.57
N SER B 173 -14.51 -10.75 -9.51
CA SER B 173 -13.32 -10.15 -8.92
C SER B 173 -13.12 -10.72 -7.49
N HIS B 174 -11.89 -11.17 -7.21
CA HIS B 174 -11.53 -11.79 -5.92
C HIS B 174 -11.73 -13.32 -5.81
N LEU B 175 -12.49 -13.90 -6.73
CA LEU B 175 -12.73 -15.35 -6.67
C LEU B 175 -11.44 -16.16 -6.91
N SER B 176 -11.32 -17.30 -6.25
CA SER B 176 -10.31 -18.29 -6.61
C SER B 176 -10.49 -18.68 -8.07
N VAL B 177 -9.44 -19.26 -8.66
CA VAL B 177 -9.52 -19.68 -10.07
C VAL B 177 -10.61 -20.73 -10.20
N LYS B 178 -10.62 -21.73 -9.32
CA LYS B 178 -11.68 -22.74 -9.35
C LYS B 178 -13.08 -22.13 -9.24
N ALA B 179 -13.28 -21.21 -8.29
CA ALA B 179 -14.58 -20.59 -8.11
C ALA B 179 -14.98 -19.77 -9.33
N PHE B 180 -14.01 -19.08 -9.94
CA PHE B 180 -14.27 -18.32 -11.16
C PHE B 180 -14.95 -19.19 -12.23
N TRP B 181 -14.32 -20.32 -12.54
CA TRP B 181 -14.84 -21.16 -13.60
C TRP B 181 -16.22 -21.74 -13.28
N GLU B 182 -16.39 -22.18 -12.04
CA GLU B 182 -17.67 -22.69 -11.57
C GLU B 182 -18.76 -21.62 -11.60
N THR B 183 -18.37 -20.39 -11.31
CA THR B 183 -19.33 -19.28 -11.30
C THR B 183 -19.81 -18.94 -12.72
N LEU B 184 -18.89 -19.00 -13.69
CA LEU B 184 -19.25 -18.75 -15.08
C LEU B 184 -20.32 -19.75 -15.54
N GLU B 185 -20.27 -20.94 -14.98
CA GLU B 185 -21.27 -21.97 -15.33
C GLU B 185 -22.62 -21.79 -14.64
N GLN B 186 -22.64 -21.11 -13.49
CA GLN B 186 -23.86 -20.95 -12.70
C GLN B 186 -24.53 -19.60 -12.93
N ALA B 187 -23.73 -18.56 -13.10
CA ALA B 187 -24.25 -17.19 -13.10
C ALA B 187 -24.77 -16.74 -14.45
N GLU B 188 -25.89 -16.04 -14.43
CA GLU B 188 -26.48 -15.53 -15.67
C GLU B 188 -25.89 -14.17 -16.05
N PHE B 189 -25.60 -13.34 -15.04
CA PHE B 189 -25.16 -11.98 -15.27
C PHE B 189 -23.79 -11.76 -14.63
N VAL B 190 -22.74 -11.88 -15.44
CA VAL B 190 -21.39 -11.92 -14.89
C VAL B 190 -20.65 -10.61 -15.08
N ILE B 191 -19.92 -10.20 -14.05
CA ILE B 191 -19.08 -9.02 -14.14
C ILE B 191 -17.77 -9.28 -13.36
N ALA B 192 -16.70 -8.60 -13.76
CA ALA B 192 -15.52 -8.46 -12.92
C ALA B 192 -15.46 -6.97 -12.63
N SER B 193 -15.85 -6.59 -11.42
CA SER B 193 -16.10 -5.18 -11.13
C SER B 193 -14.80 -4.39 -10.97
N HIS B 194 -13.70 -5.10 -10.74
CA HIS B 194 -12.38 -4.48 -10.64
C HIS B 194 -11.25 -5.49 -10.79
N SER B 195 -10.89 -5.77 -12.04
CA SER B 195 -9.86 -6.74 -12.39
C SER B 195 -9.10 -6.30 -13.66
N ASN B 196 -7.79 -6.59 -13.70
CA ASN B 196 -6.97 -6.27 -14.85
C ASN B 196 -6.52 -7.54 -15.58
N ALA B 197 -5.65 -7.38 -16.57
CA ALA B 197 -5.24 -8.51 -17.41
C ALA B 197 -3.94 -9.13 -16.91
N LYS B 198 -4.00 -10.39 -16.53
CA LYS B 198 -2.86 -11.09 -15.92
C LYS B 198 -1.65 -11.24 -16.85
N ALA B 199 -1.89 -11.28 -18.15
CA ALA B 199 -0.80 -11.33 -19.12
C ALA B 199 0.06 -10.06 -19.03
N ILE B 200 -0.57 -8.95 -18.68
CA ILE B 200 0.10 -7.65 -18.63
C ILE B 200 0.71 -7.41 -17.25
N CYS B 201 -0.03 -7.80 -16.21
CA CYS B 201 0.48 -7.79 -14.84
C CYS B 201 0.10 -9.10 -14.17
N SER B 202 1.10 -9.87 -13.77
CA SER B 202 0.93 -11.26 -13.34
C SER B 202 0.30 -11.45 -11.96
N HIS B 203 -0.15 -10.38 -11.33
CA HIS B 203 -0.77 -10.51 -10.02
C HIS B 203 -1.96 -11.48 -10.08
N PRO B 204 -2.05 -12.39 -9.09
CA PRO B 204 -3.08 -13.43 -9.13
C PRO B 204 -4.52 -12.89 -9.07
N ARG B 205 -4.68 -11.63 -8.68
CA ARG B 205 -6.00 -11.00 -8.66
C ARG B 205 -6.53 -10.74 -10.07
N ASN B 206 -5.64 -10.78 -11.05
CA ASN B 206 -5.98 -10.48 -12.43
C ASN B 206 -6.49 -11.70 -13.22
N LEU B 207 -6.99 -11.45 -14.42
CA LEU B 207 -7.63 -12.50 -15.23
C LEU B 207 -6.70 -12.92 -16.35
N ASP B 208 -6.42 -14.23 -16.44
CA ASP B 208 -5.56 -14.68 -17.55
C ASP B 208 -6.30 -14.69 -18.90
N ASP B 209 -5.56 -14.94 -19.98
CA ASP B 209 -6.14 -14.89 -21.32
C ASP B 209 -7.34 -15.84 -21.47
N GLU B 210 -7.22 -17.03 -20.92
CA GLU B 210 -8.33 -17.99 -21.03
C GLU B 210 -9.57 -17.50 -20.27
N GLN B 211 -9.35 -16.92 -19.10
CA GLN B 211 -10.46 -16.31 -18.34
C GLN B 211 -11.10 -15.14 -19.09
N ILE B 212 -10.27 -14.29 -19.69
CA ILE B 212 -10.79 -13.14 -20.42
C ILE B 212 -11.61 -13.59 -21.62
N LYS B 213 -11.11 -14.59 -22.34
CA LYS B 213 -11.84 -15.11 -23.49
C LYS B 213 -13.18 -15.69 -23.03
N ALA B 214 -13.16 -16.41 -21.91
CA ALA B 214 -14.42 -16.97 -21.41
C ALA B 214 -15.40 -15.88 -20.98
N MET B 215 -14.87 -14.79 -20.42
CA MET B 215 -15.72 -13.67 -20.02
C MET B 215 -16.42 -13.10 -21.24
N ILE B 216 -15.66 -12.90 -22.32
CA ILE B 216 -16.21 -12.40 -23.57
C ILE B 216 -17.23 -13.39 -24.13
N GLU B 217 -16.90 -14.67 -24.09
CA GLU B 217 -17.84 -15.71 -24.52
C GLU B 217 -19.15 -15.64 -23.74
N HIS B 218 -19.08 -15.24 -22.47
CA HIS B 218 -20.27 -15.19 -21.62
C HIS B 218 -20.92 -13.81 -21.62
N ASP B 219 -20.50 -12.95 -22.56
CA ASP B 219 -21.05 -11.61 -22.65
C ASP B 219 -20.89 -10.85 -21.34
N ALA B 220 -19.76 -11.04 -20.67
CA ALA B 220 -19.58 -10.41 -19.36
C ALA B 220 -18.85 -9.09 -19.52
N MET B 221 -18.92 -8.24 -18.50
CA MET B 221 -18.14 -7.00 -18.46
C MET B 221 -16.89 -7.17 -17.62
N ILE B 222 -15.78 -6.62 -18.12
CA ILE B 222 -14.54 -6.54 -17.34
C ILE B 222 -14.25 -5.07 -17.08
N HIS B 223 -14.19 -4.69 -15.81
CA HIS B 223 -13.94 -3.32 -15.42
C HIS B 223 -12.54 -3.17 -14.86
N VAL B 224 -11.69 -2.43 -15.58
CA VAL B 224 -10.28 -2.30 -15.22
C VAL B 224 -10.06 -1.44 -13.98
N VAL B 225 -9.02 -1.78 -13.21
CA VAL B 225 -8.82 -1.27 -11.86
C VAL B 225 -7.54 -0.43 -11.77
N PHE B 226 -7.61 0.67 -11.03
CA PHE B 226 -6.53 1.65 -11.02
C PHE B 226 -5.62 1.48 -9.79
N TYR B 227 -5.15 0.27 -9.60
CA TYR B 227 -4.26 -0.08 -8.49
C TYR B 227 -2.91 -0.51 -9.05
N PRO B 228 -1.84 0.21 -8.70
CA PRO B 228 -0.55 -0.07 -9.34
C PRO B 228 -0.10 -1.52 -9.15
N LEU B 229 -0.40 -2.11 -8.01
CA LEU B 229 -0.05 -3.51 -7.71
C LEU B 229 -0.68 -4.50 -8.72
N PHE B 230 -1.82 -4.13 -9.29
CA PHE B 230 -2.46 -4.96 -10.31
C PHE B 230 -2.21 -4.44 -11.72
N THR B 231 -1.39 -3.40 -11.86
CA THR B 231 -1.26 -2.73 -13.15
C THR B 231 0.10 -2.97 -13.81
N THR B 232 1.17 -2.96 -13.03
CA THR B 232 2.49 -3.27 -13.53
C THR B 232 3.17 -4.26 -12.61
N ASN B 233 4.05 -5.07 -13.17
CA ASN B 233 4.74 -6.10 -12.38
C ASN B 233 5.66 -5.52 -11.32
N ASN B 234 6.27 -4.37 -11.58
CA ASN B 234 7.11 -3.72 -10.57
C ASN B 234 6.33 -2.98 -9.49
N GLY B 235 5.08 -2.60 -9.79
CA GLY B 235 4.22 -2.02 -8.77
C GLY B 235 4.07 -0.51 -8.85
N VAL B 236 4.76 0.11 -9.80
CA VAL B 236 4.65 1.54 -10.05
C VAL B 236 3.95 1.76 -11.39
N ALA B 237 2.96 2.64 -11.45
CA ALA B 237 2.15 2.74 -12.65
C ALA B 237 1.61 4.11 -12.95
N ASP B 238 1.49 4.42 -14.25
CA ASP B 238 0.79 5.62 -14.70
C ASP B 238 -0.37 5.26 -15.61
N THR B 239 -1.08 6.27 -16.13
CA THR B 239 -2.28 5.97 -16.91
C THR B 239 -1.96 5.19 -18.19
N GLU B 240 -0.81 5.45 -18.79
CA GLU B 240 -0.42 4.66 -19.96
C GLU B 240 -0.36 3.17 -19.64
N ASP B 241 0.10 2.84 -18.45
CA ASP B 241 0.15 1.43 -18.03
C ASP B 241 -1.26 0.84 -17.96
N VAL B 242 -2.20 1.61 -17.43
CA VAL B 242 -3.59 1.14 -17.38
C VAL B 242 -4.12 0.87 -18.78
N ILE B 243 -3.79 1.77 -19.71
CA ILE B 243 -4.25 1.62 -21.07
C ILE B 243 -3.72 0.34 -21.74
N ARG B 244 -2.54 -0.11 -21.34
CA ARG B 244 -2.03 -1.39 -21.84
C ARG B 244 -2.94 -2.59 -21.51
N HIS B 245 -3.69 -2.51 -20.41
CA HIS B 245 -4.66 -3.57 -20.08
C HIS B 245 -5.87 -3.50 -20.99
N ILE B 246 -6.31 -2.29 -21.25
CA ILE B 246 -7.43 -2.06 -22.16
C ILE B 246 -7.04 -2.62 -23.54
N ASP B 247 -5.85 -2.26 -24.01
CA ASP B 247 -5.31 -2.79 -25.26
C ASP B 247 -5.37 -4.31 -25.29
N HIS B 248 -4.88 -4.94 -24.23
CA HIS B 248 -4.78 -6.38 -24.22
C HIS B 248 -6.15 -7.05 -24.32
N ILE B 249 -7.12 -6.56 -23.58
CA ILE B 249 -8.46 -7.09 -23.63
C ILE B 249 -9.09 -6.89 -25.01
N CYS B 250 -8.82 -5.76 -25.63
CA CYS B 250 -9.34 -5.50 -26.98
C CYS B 250 -8.71 -6.49 -27.97
N GLU B 251 -7.44 -6.78 -27.78
CA GLU B 251 -6.75 -7.73 -28.65
C GLU B 251 -7.33 -9.14 -28.54
N LEU B 252 -7.90 -9.47 -27.38
CA LEU B 252 -8.54 -10.76 -27.16
C LEU B 252 -9.99 -10.77 -27.64
N GLY B 253 -10.44 -9.67 -28.21
CA GLY B 253 -11.80 -9.57 -28.73
C GLY B 253 -12.81 -8.90 -27.83
N GLY B 254 -12.33 -8.16 -26.83
CA GLY B 254 -13.20 -7.63 -25.78
C GLY B 254 -13.49 -6.13 -25.81
N LEU B 255 -13.32 -5.52 -26.98
CA LEU B 255 -13.60 -4.09 -27.17
C LEU B 255 -14.94 -3.65 -26.58
N LYS B 256 -15.99 -4.46 -26.78
CA LYS B 256 -17.32 -4.12 -26.28
C LYS B 256 -17.58 -4.62 -24.87
N ASN B 257 -16.55 -5.19 -24.22
CA ASN B 257 -16.72 -5.79 -22.90
C ASN B 257 -15.88 -5.12 -21.81
N ILE B 258 -15.41 -3.90 -22.08
CA ILE B 258 -14.50 -3.21 -21.18
C ILE B 258 -15.19 -2.00 -20.55
N GLY B 259 -15.07 -1.88 -19.23
CA GLY B 259 -15.49 -0.69 -18.52
C GLY B 259 -14.44 -0.32 -17.49
N PHE B 260 -14.80 0.57 -16.58
CA PHE B 260 -13.91 1.02 -15.51
C PHE B 260 -14.40 0.58 -14.14
N GLY B 261 -13.48 0.06 -13.33
CA GLY B 261 -13.78 -0.29 -11.95
C GLY B 261 -12.62 0.14 -11.09
N SER B 262 -12.53 1.45 -10.84
CA SER B 262 -11.36 2.10 -10.26
C SER B 262 -10.76 1.48 -9.00
N ASP B 263 -11.61 1.07 -8.06
CA ASP B 263 -11.18 0.67 -6.72
C ASP B 263 -10.71 1.90 -5.94
N PHE B 264 -11.18 3.09 -6.34
CA PHE B 264 -10.90 4.30 -5.56
C PHE B 264 -11.31 4.09 -4.10
N ASP B 265 -10.47 4.61 -3.20
CA ASP B 265 -10.69 4.52 -1.75
C ASP B 265 -10.40 3.14 -1.17
N GLY B 266 -10.03 2.20 -2.03
CA GLY B 266 -9.68 0.87 -1.56
C GLY B 266 -8.21 0.54 -1.77
N ILE B 267 -7.42 1.57 -2.11
CA ILE B 267 -6.03 1.38 -2.50
C ILE B 267 -5.06 2.37 -1.80
N PRO B 268 -3.92 1.86 -1.32
CA PRO B 268 -2.95 2.67 -0.58
C PRO B 268 -2.03 3.48 -1.49
N ASP B 269 -1.94 3.06 -2.74
CA ASP B 269 -1.09 3.72 -3.73
C ASP B 269 -1.95 3.97 -4.95
N HIS B 270 -1.60 5.00 -5.70
CA HIS B 270 -2.38 5.36 -6.88
C HIS B 270 -1.59 5.31 -8.17
N VAL B 271 -2.32 5.08 -9.26
CA VAL B 271 -1.79 5.20 -10.61
C VAL B 271 -1.60 6.70 -10.89
N LYS B 272 -0.41 7.07 -11.35
CA LYS B 272 -0.14 8.48 -11.59
C LYS B 272 -1.07 8.98 -12.71
N GLY B 273 -1.80 10.06 -12.44
CA GLY B 273 -2.79 10.55 -13.39
C GLY B 273 -4.20 10.11 -13.03
N LEU B 274 -4.30 9.19 -12.07
CA LEU B 274 -5.58 8.70 -11.61
C LEU B 274 -5.56 8.63 -10.08
N GLU B 275 -5.18 9.75 -9.46
CA GLU B 275 -5.07 9.84 -8.01
C GLU B 275 -6.40 9.92 -7.28
N HIS B 276 -7.44 10.40 -7.96
CA HIS B 276 -8.79 10.47 -7.39
C HIS B 276 -9.82 10.54 -8.53
N VAL B 277 -11.09 10.42 -8.19
CA VAL B 277 -12.14 10.27 -9.22
C VAL B 277 -12.29 11.52 -10.08
N GLY B 278 -11.88 12.66 -9.57
CA GLY B 278 -11.97 13.88 -10.35
C GLY B 278 -10.96 13.95 -11.47
N LYS B 279 -10.05 12.97 -11.54
CA LYS B 279 -9.09 12.92 -12.62
C LYS B 279 -9.66 12.24 -13.87
N TYR B 280 -10.89 11.73 -13.78
CA TYR B 280 -11.44 10.91 -14.86
C TYR B 280 -11.41 11.57 -16.24
N GLN B 281 -11.84 12.82 -16.32
CA GLN B 281 -11.93 13.44 -17.64
C GLN B 281 -10.55 13.57 -18.30
N SER B 282 -9.53 13.86 -17.51
CA SER B 282 -8.17 13.94 -18.06
C SER B 282 -7.67 12.57 -18.51
N PHE B 283 -8.11 11.52 -17.82
CA PHE B 283 -7.75 10.18 -18.24
C PHE B 283 -8.41 9.86 -19.58
N LEU B 284 -9.68 10.23 -19.73
CA LEU B 284 -10.38 9.98 -20.99
C LEU B 284 -9.74 10.73 -22.16
N GLU B 285 -9.18 11.89 -21.89
CA GLU B 285 -8.46 12.64 -22.92
C GLU B 285 -7.23 11.86 -23.37
N THR B 286 -6.56 11.24 -22.41
CA THR B 286 -5.38 10.45 -22.70
C THR B 286 -5.72 9.27 -23.63
N LEU B 287 -6.93 8.71 -23.47
CA LEU B 287 -7.41 7.65 -24.33
C LEU B 287 -7.54 8.08 -25.81
N GLU B 288 -7.73 9.37 -26.04
CA GLU B 288 -8.00 9.84 -27.40
C GLU B 288 -6.84 9.57 -28.36
N LYS B 289 -5.64 9.42 -27.81
CA LYS B 289 -4.46 9.07 -28.60
C LYS B 289 -4.52 7.63 -29.09
N HIS B 290 -5.35 6.82 -28.44
CA HIS B 290 -5.33 5.38 -28.66
C HIS B 290 -6.61 4.83 -29.29
N TYR B 291 -7.74 5.43 -28.94
CA TYR B 291 -9.04 4.92 -29.33
C TYR B 291 -9.89 6.04 -29.90
N THR B 292 -10.91 5.67 -30.66
CA THR B 292 -11.87 6.64 -31.18
C THR B 292 -12.84 7.08 -30.08
N LYS B 293 -13.54 8.17 -30.34
CA LYS B 293 -14.51 8.70 -29.39
C LYS B 293 -15.60 7.65 -29.11
N GLU B 294 -16.00 6.93 -30.16
CA GLU B 294 -17.02 5.89 -30.03
C GLU B 294 -16.54 4.76 -29.14
N GLU B 295 -15.27 4.41 -29.28
CA GLU B 295 -14.69 3.34 -28.47
C GLU B 295 -14.54 3.78 -27.02
N ILE B 296 -14.10 5.02 -26.83
CA ILE B 296 -13.91 5.57 -25.49
C ILE B 296 -15.25 5.67 -24.77
N GLU B 297 -16.30 6.04 -25.49
CA GLU B 297 -17.63 6.09 -24.91
C GLU B 297 -18.09 4.68 -24.51
N GLY B 298 -17.67 3.67 -25.25
CA GLY B 298 -17.92 2.28 -24.87
C GLY B 298 -17.30 1.98 -23.51
N PHE B 299 -16.03 2.33 -23.34
CA PHE B 299 -15.35 2.08 -22.08
C PHE B 299 -16.00 2.88 -20.94
N ALA B 300 -16.36 4.13 -21.23
CA ALA B 300 -16.82 5.05 -20.20
C ALA B 300 -18.19 4.69 -19.67
N SER B 301 -19.10 4.29 -20.55
CA SER B 301 -20.47 4.05 -20.13
C SER B 301 -21.26 3.07 -21.00
N ARG B 302 -21.07 3.14 -22.31
CA ARG B 302 -21.98 2.44 -23.23
C ARG B 302 -21.88 0.92 -23.15
N ASN B 303 -20.67 0.41 -22.95
CA ASN B 303 -20.51 -1.03 -22.81
C ASN B 303 -21.32 -1.54 -21.62
N PHE B 304 -21.14 -0.92 -20.47
CA PHE B 304 -21.91 -1.29 -19.29
C PHE B 304 -23.40 -1.18 -19.58
N LEU B 305 -23.80 -0.08 -20.19
CA LEU B 305 -25.22 0.15 -20.46
C LEU B 305 -25.81 -0.90 -21.40
N ASN B 306 -24.97 -1.42 -22.29
CA ASN B 306 -25.36 -2.50 -23.20
C ASN B 306 -25.44 -3.86 -22.52
N HIS B 307 -24.99 -3.93 -21.27
CA HIS B 307 -24.90 -5.21 -20.54
C HIS B 307 -25.75 -5.25 -19.26
N LEU B 308 -26.79 -4.43 -19.20
CA LEU B 308 -27.66 -4.44 -18.01
C LEU B 308 -28.46 -5.73 -17.98
N PRO B 309 -28.52 -6.37 -16.79
CA PRO B 309 -29.31 -7.61 -16.66
C PRO B 309 -30.76 -7.40 -17.06
N LYS B 310 -31.28 -8.29 -17.87
CA LYS B 310 -32.65 -8.20 -18.35
C LYS B 310 -33.35 -9.56 -18.26
#